data_2GSJ
#
_entry.id   2GSJ
#
_cell.length_a   55.190
_cell.length_b   59.949
_cell.length_c   76.697
_cell.angle_alpha   90.00
_cell.angle_beta   90.00
_cell.angle_gamma   90.00
#
_symmetry.space_group_name_H-M   'P 21 21 21'
#
loop_
_entity.id
_entity.type
_entity.pdbx_description
1 polymer 'protein PPL-2'
2 non-polymer 'SULFATE ION'
3 water water
#
_entity_poly.entity_id   1
_entity_poly.type   'polypeptide(L)'
_entity_poly.pdbx_seq_one_letter_code
;GGIVVYWGQNGGEGTLTSTCESGLYQIVNIAFLSQFGGGRRPQINLAGHCDPANNGCRTVSDGIRACQRRGIKVMLSIGG
GAGSYSLSSVQDARSVADYIWNNFLGGRSSSRPLGDAVLDGVDFDIEHGGAYYDALARRLSEHNRGGKKVFLSAAPQCPF
PDQSLNKALSTGLFDYVWVQFYNNPQCEFNSGNPSNFRNSWNKWTSSFNAKFYVGLPASPEAAGSGYVPPQQLINQVLPF
VKRSPKYGGVMLWDRFNDLKTKYSSKIKPSV
;
_entity_poly.pdbx_strand_id   A
#
loop_
_chem_comp.id
_chem_comp.type
_chem_comp.name
_chem_comp.formula
SO4 non-polymer 'SULFATE ION' 'O4 S -2'
#
# COMPACT_ATOMS: atom_id res chain seq x y z
N GLY A 1 12.13 -1.62 -12.64
CA GLY A 1 10.98 -1.63 -11.69
C GLY A 1 10.75 -0.30 -11.01
N GLY A 2 9.78 -0.28 -10.12
CA GLY A 2 9.32 0.96 -9.52
C GLY A 2 9.48 0.96 -8.02
N ILE A 3 9.36 2.14 -7.44
CA ILE A 3 9.36 2.25 -6.00
C ILE A 3 8.00 2.72 -5.54
N VAL A 4 7.48 2.02 -4.56
CA VAL A 4 6.18 2.30 -4.01
C VAL A 4 6.46 2.85 -2.62
N VAL A 5 5.68 3.82 -2.20
CA VAL A 5 5.89 4.36 -0.86
C VAL A 5 4.55 4.65 -0.21
N TYR A 6 4.53 4.55 1.12
CA TYR A 6 3.39 4.99 1.90
C TYR A 6 3.62 6.40 2.36
N TRP A 7 2.57 7.18 2.28
CA TRP A 7 2.57 8.53 2.78
C TRP A 7 1.30 8.71 3.55
N GLY A 8 1.40 9.46 4.65
CA GLY A 8 0.20 9.91 5.32
C GLY A 8 0.24 9.71 6.81
N GLN A 9 1.17 8.90 7.27
CA GLN A 9 1.16 8.47 8.68
C GLN A 9 2.18 9.17 9.56
N ASN A 10 2.82 10.17 8.97
CA ASN A 10 3.78 10.95 9.71
C ASN A 10 3.72 12.37 9.24
N GLY A 11 3.14 13.23 10.06
CA GLY A 11 2.93 14.61 9.68
C GLY A 11 4.21 15.38 9.44
N GLY A 12 5.35 14.79 9.78
CA GLY A 12 6.63 15.44 9.57
C GLY A 12 7.29 15.03 8.26
N GLU A 13 6.57 14.27 7.44
CA GLU A 13 7.18 13.72 6.21
C GLU A 13 6.97 14.58 4.97
N GLY A 14 6.44 15.78 5.16
CA GLY A 14 6.13 16.68 4.08
C GLY A 14 4.87 16.28 3.32
N THR A 15 4.55 17.07 2.31
CA THR A 15 3.32 16.93 1.63
C THR A 15 3.33 15.75 0.68
N LEU A 16 2.13 15.35 0.30
CA LEU A 16 1.98 14.39 -0.73
C LEU A 16 2.56 14.98 -2.03
N THR A 17 2.30 16.26 -2.27
CA THR A 17 2.88 16.90 -3.45
C THR A 17 4.38 16.71 -3.46
N SER A 18 5.04 17.03 -2.36
CA SER A 18 6.49 16.92 -2.31
C SER A 18 6.95 15.48 -2.55
N THR A 19 6.22 14.55 -1.94
CA THR A 19 6.48 13.13 -2.13
C THR A 19 6.50 12.77 -3.61
N CYS A 20 5.47 13.21 -4.31
CA CYS A 20 5.42 12.89 -5.73
C CYS A 20 6.39 13.66 -6.58
N GLU A 21 6.59 14.93 -6.26
CA GLU A 21 7.58 15.73 -6.97
C GLU A 21 9.03 15.24 -6.84
N SER A 22 9.33 14.45 -5.80
CA SER A 22 10.66 13.93 -5.58
C SER A 22 11.14 13.08 -6.76
N GLY A 23 10.20 12.54 -7.51
CA GLY A 23 10.52 11.67 -8.64
C GLY A 23 10.99 10.31 -8.22
N LEU A 24 10.89 10.02 -6.93
CA LEU A 24 11.41 8.76 -6.40
C LEU A 24 10.46 7.60 -6.58
N TYR A 25 9.18 7.90 -6.75
CA TYR A 25 8.15 6.91 -6.59
C TYR A 25 7.28 6.71 -7.81
N GLN A 26 6.85 5.46 -8.00
CA GLN A 26 5.92 5.14 -9.07
C GLN A 26 4.53 5.03 -8.56
N ILE A 27 4.42 4.70 -7.27
CA ILE A 27 3.12 4.56 -6.65
C ILE A 27 3.21 5.10 -5.24
N VAL A 28 2.22 5.88 -4.84
CA VAL A 28 2.16 6.33 -3.47
C VAL A 28 0.86 5.80 -2.89
N ASN A 29 0.95 5.18 -1.73
CA ASN A 29 -0.21 4.72 -1.00
C ASN A 29 -0.48 5.72 0.10
N ILE A 30 -1.68 6.29 0.07
CA ILE A 30 -2.11 7.22 1.11
C ILE A 30 -2.67 6.40 2.28
N ALA A 31 -1.96 6.48 3.41
CA ALA A 31 -2.24 5.69 4.58
C ALA A 31 -2.83 6.62 5.66
N PHE A 32 -4.09 6.46 6.06
CA PHE A 32 -4.95 5.35 5.70
C PHE A 32 -6.39 5.79 5.78
N LEU A 33 -7.25 5.05 5.10
CA LEU A 33 -8.64 4.96 5.53
C LEU A 33 -8.54 3.96 6.68
N SER A 34 -8.42 4.50 7.87
CA SER A 34 -8.08 3.73 9.07
C SER A 34 -9.32 3.17 9.75
N GLN A 35 -10.50 3.68 9.39
CA GLN A 35 -11.73 3.20 10.02
C GLN A 35 -12.78 3.00 8.97
N PHE A 36 -13.43 1.85 9.00
CA PHE A 36 -14.47 1.50 8.05
C PHE A 36 -15.00 0.15 8.47
N GLY A 37 -16.12 -0.23 7.87
CA GLY A 37 -16.68 -1.53 8.06
C GLY A 37 -17.45 -1.66 9.35
N GLY A 38 -18.32 -2.67 9.40
CA GLY A 38 -18.96 -3.02 10.66
C GLY A 38 -19.97 -1.99 11.11
N GLY A 39 -20.28 -1.05 10.23
CA GLY A 39 -21.20 0.06 10.51
C GLY A 39 -20.47 1.29 11.04
N ARG A 40 -19.14 1.17 11.20
CA ARG A 40 -18.36 2.33 11.59
C ARG A 40 -18.47 3.45 10.55
N ARG A 41 -18.42 4.67 11.05
CA ARG A 41 -18.29 5.83 10.19
C ARG A 41 -16.91 5.72 9.59
N PRO A 42 -16.81 5.73 8.26
CA PRO A 42 -15.44 5.66 7.72
C PRO A 42 -14.63 6.89 8.09
N GLN A 43 -13.35 6.70 8.35
CA GLN A 43 -12.51 7.84 8.69
C GLN A 43 -11.16 7.60 8.10
N ILE A 44 -10.59 8.67 7.57
CA ILE A 44 -9.19 8.62 7.23
C ILE A 44 -8.41 9.08 8.44
N ASN A 45 -7.15 8.68 8.46
CA ASN A 45 -6.25 9.21 9.41
C ASN A 45 -4.97 9.52 8.65
N LEU A 46 -4.59 10.79 8.65
CA LEU A 46 -3.33 11.17 8.06
C LEU A 46 -2.42 11.79 9.12
N ALA A 47 -2.45 11.20 10.31
CA ALA A 47 -1.56 11.61 11.39
C ALA A 47 -1.66 13.14 11.51
N GLY A 48 -0.53 13.81 11.67
CA GLY A 48 -0.51 15.27 11.83
C GLY A 48 -0.66 16.11 10.58
N HIS A 49 -0.84 15.45 9.43
CA HIS A 49 -0.92 16.19 8.17
C HIS A 49 -2.11 17.11 8.14
N CYS A 50 -3.25 16.60 8.57
CA CYS A 50 -4.50 17.32 8.48
C CYS A 50 -5.51 16.57 9.32
N ASP A 51 -6.53 17.30 9.74
CA ASP A 51 -7.56 16.76 10.58
C ASP A 51 -8.73 16.44 9.66
N PRO A 52 -9.07 15.15 9.54
CA PRO A 52 -10.10 14.76 8.59
C PRO A 52 -11.50 15.20 9.05
N ALA A 53 -11.60 15.69 10.30
CA ALA A 53 -12.86 16.24 10.82
C ALA A 53 -13.41 17.24 9.82
N ASN A 54 -14.67 17.03 9.44
CA ASN A 54 -15.34 17.81 8.39
C ASN A 54 -14.45 18.03 7.16
N ASN A 55 -13.96 16.90 6.62
CA ASN A 55 -13.04 16.87 5.49
C ASN A 55 -11.91 17.94 5.46
N GLY A 56 -11.19 18.09 6.58
CA GLY A 56 -10.04 19.00 6.65
C GLY A 56 -8.81 18.51 5.88
N CYS A 57 -8.92 17.31 5.32
CA CYS A 57 -7.85 16.76 4.47
C CYS A 57 -8.14 16.91 2.98
N ARG A 58 -9.12 17.77 2.64
CA ARG A 58 -9.52 17.90 1.23
C ARG A 58 -8.42 18.39 0.31
N THR A 59 -7.46 19.13 0.86
CA THR A 59 -6.32 19.65 0.11
C THR A 59 -5.35 18.57 -0.37
N VAL A 60 -5.48 17.35 0.17
CA VAL A 60 -4.67 16.22 -0.29
C VAL A 60 -4.87 15.98 -1.80
N SER A 61 -6.03 16.39 -2.31
CA SER A 61 -6.30 16.30 -3.72
C SER A 61 -5.27 17.03 -4.56
N ASP A 62 -4.71 18.11 -4.04
CA ASP A 62 -3.62 18.81 -4.72
C ASP A 62 -2.43 17.87 -4.91
N GLY A 63 -2.07 17.16 -3.84
CA GLY A 63 -1.00 16.17 -3.89
C GLY A 63 -1.35 15.04 -4.83
N ILE A 64 -2.59 14.57 -4.75
CA ILE A 64 -3.01 13.45 -5.60
C ILE A 64 -2.83 13.84 -7.06
N ARG A 65 -3.34 15.02 -7.38
CA ARG A 65 -3.23 15.57 -8.73
C ARG A 65 -1.77 15.75 -9.13
N ALA A 66 -0.95 16.32 -8.25
CA ALA A 66 0.48 16.53 -8.52
C ALA A 66 1.15 15.19 -8.89
N CYS A 67 0.76 14.16 -8.15
CA CYS A 67 1.25 12.81 -8.38
C CYS A 67 0.79 12.31 -9.74
N GLN A 68 -0.51 12.42 -9.98
CA GLN A 68 -1.07 11.85 -11.19
C GLN A 68 -0.61 12.56 -12.45
N ARG A 69 -0.38 13.86 -12.33
CA ARG A 69 0.20 14.67 -13.40
C ARG A 69 1.62 14.21 -13.74
N ARG A 70 2.23 13.45 -12.83
CA ARG A 70 3.57 12.92 -13.09
C ARG A 70 3.56 11.42 -13.37
N GLY A 71 2.37 10.86 -13.58
CA GLY A 71 2.19 9.48 -13.96
C GLY A 71 2.30 8.55 -12.78
N ILE A 72 2.26 9.12 -11.58
CA ILE A 72 2.38 8.32 -10.36
C ILE A 72 0.98 7.90 -9.92
N LYS A 73 0.82 6.61 -9.67
CA LYS A 73 -0.43 6.10 -9.16
C LYS A 73 -0.55 6.45 -7.68
N VAL A 74 -1.75 6.82 -7.27
CA VAL A 74 -1.98 7.13 -5.90
C VAL A 74 -3.11 6.25 -5.42
N MET A 75 -2.80 5.44 -4.41
CA MET A 75 -3.71 4.43 -3.93
C MET A 75 -4.21 4.91 -2.59
N LEU A 76 -5.46 4.60 -2.32
CA LEU A 76 -5.98 4.76 -0.97
C LEU A 76 -5.62 3.49 -0.21
N SER A 77 -4.83 3.63 0.83
CA SER A 77 -4.57 2.48 1.66
C SER A 77 -5.58 2.39 2.78
N ILE A 78 -6.18 1.23 2.89
CA ILE A 78 -7.19 1.00 3.89
C ILE A 78 -6.64 0.08 4.95
N GLY A 79 -6.99 0.39 6.20
CA GLY A 79 -6.62 -0.44 7.31
C GLY A 79 -5.49 0.17 8.09
N GLY A 80 -4.36 -0.52 8.13
CA GLY A 80 -3.23 -0.02 8.90
C GLY A 80 -3.27 -0.58 10.30
N GLY A 81 -2.28 -0.21 11.09
CA GLY A 81 -2.09 -0.79 12.40
C GLY A 81 -2.77 -0.11 13.56
N ALA A 82 -3.40 1.04 13.31
CA ALA A 82 -3.96 1.83 14.41
C ALA A 82 -5.48 1.90 14.39
N GLY A 83 -6.04 1.88 13.19
CA GLY A 83 -7.48 2.13 13.04
C GLY A 83 -8.34 0.98 13.54
N SER A 84 -9.62 1.30 13.71
CA SER A 84 -10.62 0.30 14.05
C SER A 84 -11.40 0.04 12.78
N TYR A 85 -11.26 -1.17 12.25
CA TYR A 85 -11.88 -1.55 10.98
C TYR A 85 -12.02 -3.05 10.91
N SER A 86 -13.08 -3.50 10.24
CA SER A 86 -13.33 -4.91 10.03
C SER A 86 -14.63 -4.94 9.27
N LEU A 87 -14.88 -6.04 8.59
CA LEU A 87 -16.07 -6.18 7.78
C LEU A 87 -16.99 -7.20 8.42
N SER A 88 -18.29 -6.93 8.40
CA SER A 88 -19.24 -7.78 9.12
C SER A 88 -19.90 -8.81 8.22
N SER A 89 -19.89 -8.57 6.92
CA SER A 89 -20.61 -9.38 5.96
C SER A 89 -20.19 -8.99 4.56
N VAL A 90 -20.62 -9.79 3.60
CA VAL A 90 -20.46 -9.46 2.19
C VAL A 90 -21.12 -8.14 1.85
N GLN A 91 -22.35 -7.94 2.32
CA GLN A 91 -23.05 -6.69 2.06
C GLN A 91 -22.28 -5.51 2.65
N ASP A 92 -21.77 -5.68 3.87
CA ASP A 92 -20.96 -4.65 4.51
C ASP A 92 -19.73 -4.37 3.66
N ALA A 93 -19.06 -5.43 3.20
CA ALA A 93 -17.88 -5.26 2.37
C ALA A 93 -18.24 -4.49 1.12
N ARG A 94 -19.37 -4.84 0.51
CA ARG A 94 -19.80 -4.13 -0.69
C ARG A 94 -20.12 -2.68 -0.36
N SER A 95 -20.77 -2.47 0.78
CA SER A 95 -21.09 -1.13 1.24
C SER A 95 -19.84 -0.27 1.40
N VAL A 96 -18.81 -0.85 2.03
CA VAL A 96 -17.54 -0.16 2.19
C VAL A 96 -16.87 0.10 0.83
N ALA A 97 -16.85 -0.91 -0.04
CA ALA A 97 -16.31 -0.73 -1.39
C ALA A 97 -17.03 0.42 -2.08
N ASP A 98 -18.36 0.47 -1.93
CA ASP A 98 -19.15 1.52 -2.57
C ASP A 98 -18.82 2.87 -1.97
N TYR A 99 -18.67 2.90 -0.65
CA TYR A 99 -18.25 4.09 0.02
C TYR A 99 -16.90 4.57 -0.54
N ILE A 100 -15.95 3.65 -0.68
CA ILE A 100 -14.62 4.02 -1.18
C ILE A 100 -14.73 4.53 -2.62
N TRP A 101 -15.45 3.80 -3.46
CA TRP A 101 -15.70 4.21 -4.83
C TRP A 101 -16.22 5.65 -4.87
N ASN A 102 -17.22 5.93 -4.05
CA ASN A 102 -17.86 7.25 -4.08
C ASN A 102 -17.05 8.38 -3.50
N ASN A 103 -16.20 8.03 -2.55
CA ASN A 103 -15.53 9.02 -1.77
C ASN A 103 -14.08 9.24 -2.15
N PHE A 104 -13.52 8.25 -2.83
CA PHE A 104 -12.10 8.30 -3.17
C PHE A 104 -11.81 7.97 -4.61
N LEU A 105 -12.69 7.21 -5.25
CA LEU A 105 -12.47 6.78 -6.61
C LEU A 105 -13.43 7.52 -7.55
N GLY A 106 -13.93 6.84 -8.57
CA GLY A 106 -14.65 7.50 -9.64
C GLY A 106 -16.11 7.80 -9.36
N GLY A 107 -16.58 7.48 -8.16
CA GLY A 107 -17.96 7.73 -7.79
C GLY A 107 -18.22 9.14 -7.33
N ARG A 108 -19.38 9.36 -6.73
CA ARG A 108 -19.79 10.70 -6.36
C ARG A 108 -20.09 10.77 -4.88
N SER A 109 -19.60 11.83 -4.27
CA SER A 109 -19.87 12.14 -2.89
C SER A 109 -19.67 13.63 -2.63
N SER A 110 -20.53 14.19 -1.80
CA SER A 110 -20.42 15.60 -1.42
C SER A 110 -19.44 15.80 -0.26
N SER A 111 -18.89 14.72 0.26
CA SER A 111 -17.98 14.80 1.40
C SER A 111 -16.76 13.89 1.20
N ARG A 112 -16.11 14.04 0.06
CA ARG A 112 -14.90 13.26 -0.23
C ARG A 112 -13.76 13.72 0.68
N PRO A 113 -13.29 12.82 1.57
CA PRO A 113 -12.29 13.18 2.59
C PRO A 113 -11.00 13.78 2.03
N LEU A 114 -10.60 13.35 0.86
CA LEU A 114 -9.34 13.87 0.29
C LEU A 114 -9.58 14.82 -0.86
N GLY A 115 -10.84 15.22 -1.03
CA GLY A 115 -11.21 16.12 -2.12
C GLY A 115 -11.63 15.41 -3.40
N ASP A 116 -11.69 16.17 -4.49
CA ASP A 116 -12.29 15.66 -5.71
C ASP A 116 -11.38 14.85 -6.62
N ALA A 117 -10.09 14.80 -6.30
CA ALA A 117 -9.18 13.95 -7.02
C ALA A 117 -9.66 12.52 -6.96
N VAL A 118 -9.45 11.79 -8.04
CA VAL A 118 -9.87 10.43 -8.14
C VAL A 118 -8.65 9.56 -7.97
N LEU A 119 -8.57 8.86 -6.84
CA LEU A 119 -7.48 7.93 -6.61
C LEU A 119 -7.48 6.78 -7.61
N ASP A 120 -6.31 6.19 -7.77
CA ASP A 120 -6.11 5.17 -8.80
C ASP A 120 -6.47 3.78 -8.34
N GLY A 121 -6.59 3.63 -7.03
CA GLY A 121 -6.91 2.34 -6.53
C GLY A 121 -6.87 2.30 -5.04
N VAL A 122 -6.95 1.07 -4.56
CA VAL A 122 -7.09 0.82 -3.16
C VAL A 122 -6.05 -0.19 -2.74
N ASP A 123 -5.34 0.15 -1.68
CA ASP A 123 -4.28 -0.68 -1.17
C ASP A 123 -4.82 -1.30 0.12
N PHE A 124 -4.78 -2.63 0.17
CA PHE A 124 -5.34 -3.32 1.33
C PHE A 124 -4.25 -3.58 2.33
N ASP A 125 -4.21 -2.77 3.39
CA ASP A 125 -3.22 -2.97 4.42
C ASP A 125 -3.94 -3.46 5.66
N ILE A 126 -4.45 -4.68 5.56
CA ILE A 126 -5.42 -5.19 6.51
C ILE A 126 -4.65 -6.00 7.50
N GLU A 127 -4.74 -5.62 8.76
CA GLU A 127 -3.84 -6.22 9.74
C GLU A 127 -4.59 -7.09 10.76
N HIS A 128 -5.90 -7.17 10.62
CA HIS A 128 -6.66 -8.10 11.45
C HIS A 128 -7.92 -8.46 10.72
N GLY A 129 -8.57 -9.52 11.18
CA GLY A 129 -9.69 -10.09 10.45
C GLY A 129 -9.21 -10.73 9.17
N GLY A 130 -9.85 -10.36 8.07
CA GLY A 130 -9.61 -11.03 6.80
C GLY A 130 -10.94 -11.34 6.16
N ALA A 131 -11.94 -11.64 6.99
CA ALA A 131 -13.27 -11.96 6.50
C ALA A 131 -13.84 -10.86 5.61
N TYR A 132 -14.35 -11.27 4.46
CA TYR A 132 -15.11 -10.41 3.55
C TYR A 132 -14.29 -9.41 2.75
N TYR A 133 -12.97 -9.34 2.97
CA TYR A 133 -12.16 -8.46 2.12
C TYR A 133 -12.14 -8.94 0.69
N ASP A 134 -12.37 -10.23 0.48
CA ASP A 134 -12.59 -10.72 -0.87
C ASP A 134 -13.79 -10.03 -1.50
N ALA A 135 -14.89 -9.93 -0.75
CA ALA A 135 -16.10 -9.27 -1.24
C ALA A 135 -15.82 -7.79 -1.50
N LEU A 136 -15.02 -7.19 -0.63
CA LEU A 136 -14.65 -5.80 -0.79
C LEU A 136 -13.85 -5.60 -2.10
N ALA A 137 -12.83 -6.43 -2.31
CA ALA A 137 -12.02 -6.40 -3.55
C ALA A 137 -12.89 -6.61 -4.79
N ARG A 138 -13.78 -7.59 -4.70
CA ARG A 138 -14.67 -7.94 -5.83
C ARG A 138 -15.57 -6.75 -6.20
N ARG A 139 -16.10 -6.09 -5.17
CA ARG A 139 -16.95 -4.94 -5.39
C ARG A 139 -16.17 -3.78 -6.02
N LEU A 140 -14.97 -3.51 -5.52
CA LEU A 140 -14.11 -2.52 -6.15
C LEU A 140 -13.79 -2.90 -7.59
N SER A 141 -13.45 -4.17 -7.77
CA SER A 141 -13.12 -4.70 -9.11
C SER A 141 -14.26 -4.53 -10.13
N GLU A 142 -15.50 -4.58 -9.67
CA GLU A 142 -16.67 -4.42 -10.55
C GLU A 142 -16.59 -3.18 -11.44
N HIS A 143 -15.77 -2.21 -11.01
CA HIS A 143 -15.51 -0.98 -11.77
C HIS A 143 -14.45 -1.15 -12.87
N ASN A 144 -13.80 -2.30 -12.92
CA ASN A 144 -12.83 -2.57 -13.97
C ASN A 144 -13.46 -3.13 -15.25
N ARG A 145 -14.79 -3.22 -15.20
CA ARG A 145 -15.64 -3.10 -16.36
C ARG A 145 -16.93 -2.37 -15.91
N GLY A 146 -16.78 -1.06 -15.72
CA GLY A 146 -17.86 -0.15 -15.32
C GLY A 146 -17.28 1.25 -15.20
N GLY A 147 -16.68 1.49 -14.03
CA GLY A 147 -15.58 2.45 -13.82
C GLY A 147 -15.59 3.91 -14.28
N LYS A 148 -14.41 4.48 -14.56
CA LYS A 148 -13.05 3.84 -14.39
C LYS A 148 -12.76 3.42 -12.94
N LYS A 149 -11.58 2.92 -12.53
CA LYS A 149 -10.51 2.13 -13.20
C LYS A 149 -9.56 1.94 -12.00
N VAL A 150 -9.77 0.84 -11.31
CA VAL A 150 -9.41 0.76 -9.90
C VAL A 150 -8.36 -0.31 -9.72
N PHE A 151 -7.13 0.14 -9.48
CA PHE A 151 -6.07 -0.80 -9.15
C PHE A 151 -6.25 -1.32 -7.74
N LEU A 152 -5.84 -2.54 -7.53
CA LEU A 152 -5.94 -3.12 -6.21
C LEU A 152 -4.58 -3.62 -5.81
N SER A 153 -4.17 -3.24 -4.61
CA SER A 153 -2.90 -3.69 -4.11
C SER A 153 -3.11 -4.22 -2.71
N ALA A 154 -2.19 -5.06 -2.26
CA ALA A 154 -2.28 -5.58 -0.93
C ALA A 154 -0.91 -5.56 -0.31
N ALA A 155 -0.86 -5.44 1.01
CA ALA A 155 0.42 -5.29 1.70
C ALA A 155 0.53 -6.39 2.74
N PRO A 156 0.53 -7.65 2.29
CA PRO A 156 0.58 -8.71 3.28
C PRO A 156 1.91 -8.74 3.98
N GLN A 157 1.91 -9.27 5.20
CA GLN A 157 3.16 -9.57 5.88
C GLN A 157 3.77 -10.80 5.24
N CYS A 158 5.09 -10.93 5.34
CA CYS A 158 5.74 -12.00 4.59
C CYS A 158 5.41 -13.45 5.02
N PRO A 159 5.09 -13.71 6.31
CA PRO A 159 4.80 -15.11 6.64
C PRO A 159 3.61 -15.61 5.85
N PHE A 160 3.79 -16.72 5.16
CA PHE A 160 2.77 -17.17 4.25
C PHE A 160 1.96 -18.27 4.91
N PRO A 161 0.62 -18.18 4.86
CA PRO A 161 -0.15 -17.13 4.27
C PRO A 161 -0.38 -15.96 5.23
N ASP A 162 -0.75 -14.83 4.67
CA ASP A 162 -1.10 -13.70 5.51
C ASP A 162 -2.55 -13.91 5.89
N GLN A 163 -2.79 -14.07 7.18
CA GLN A 163 -4.12 -14.47 7.64
C GLN A 163 -5.16 -13.39 7.40
N SER A 164 -4.74 -12.12 7.33
CA SER A 164 -5.68 -11.04 7.13
C SER A 164 -5.95 -10.81 5.65
N LEU A 165 -4.97 -11.13 4.80
CA LEU A 165 -5.10 -10.79 3.38
C LEU A 165 -5.34 -11.98 2.46
N ASN A 166 -5.15 -13.19 2.99
CA ASN A 166 -5.27 -14.40 2.17
C ASN A 166 -6.61 -14.47 1.40
N LYS A 167 -7.73 -14.21 2.09
CA LYS A 167 -9.05 -14.26 1.46
C LYS A 167 -9.16 -13.24 0.33
N ALA A 168 -8.80 -11.99 0.63
CA ALA A 168 -8.78 -10.95 -0.39
C ALA A 168 -7.93 -11.41 -1.58
N LEU A 169 -6.71 -11.89 -1.28
CA LEU A 169 -5.77 -12.21 -2.35
C LEU A 169 -6.23 -13.41 -3.16
N SER A 170 -6.98 -14.29 -2.53
CA SER A 170 -7.50 -15.50 -3.21
C SER A 170 -8.42 -15.17 -4.39
N THR A 171 -8.96 -13.95 -4.41
CA THR A 171 -9.82 -13.51 -5.52
C THR A 171 -9.07 -13.40 -6.83
N GLY A 172 -7.74 -13.26 -6.75
CA GLY A 172 -6.93 -13.07 -7.94
C GLY A 172 -7.11 -11.71 -8.58
N LEU A 173 -7.77 -10.79 -7.88
CA LEU A 173 -8.07 -9.46 -8.44
C LEU A 173 -6.99 -8.41 -8.15
N PHE A 174 -6.01 -8.78 -7.32
CA PHE A 174 -5.02 -7.81 -6.95
C PHE A 174 -3.99 -7.61 -8.03
N ASP A 175 -3.80 -6.34 -8.38
CA ASP A 175 -2.79 -5.96 -9.35
C ASP A 175 -1.39 -6.02 -8.76
N TYR A 176 -1.26 -5.58 -7.52
CA TYR A 176 0.04 -5.41 -6.94
C TYR A 176 0.02 -6.01 -5.59
N VAL A 177 1.15 -6.61 -5.20
CA VAL A 177 1.31 -7.09 -3.85
C VAL A 177 2.67 -6.67 -3.37
N TRP A 178 2.73 -5.82 -2.35
CA TRP A 178 4.00 -5.53 -1.73
C TRP A 178 4.07 -6.32 -0.45
N VAL A 179 4.89 -7.35 -0.46
CA VAL A 179 5.01 -8.23 0.69
C VAL A 179 5.94 -7.58 1.73
N GLN A 180 5.49 -7.50 2.97
CA GLN A 180 6.27 -6.80 3.99
C GLN A 180 7.31 -7.75 4.56
N PHE A 181 8.56 -7.58 4.12
CA PHE A 181 9.63 -8.42 4.59
C PHE A 181 10.35 -7.77 5.76
N TYR A 182 9.58 -7.35 6.75
CA TYR A 182 10.16 -6.76 7.94
C TYR A 182 9.18 -6.93 9.07
N ASN A 183 9.72 -6.78 10.29
CA ASN A 183 9.00 -7.16 11.50
C ASN A 183 8.45 -8.58 11.44
N ASN A 184 9.18 -9.45 10.76
CA ASN A 184 8.78 -10.84 10.60
C ASN A 184 10.08 -11.58 10.38
N PRO A 185 10.81 -11.84 11.47
CA PRO A 185 12.15 -12.47 11.35
C PRO A 185 12.18 -13.75 10.49
N GLN A 186 11.09 -14.50 10.44
CA GLN A 186 11.08 -15.76 9.69
C GLN A 186 11.25 -15.60 8.18
N CYS A 187 11.00 -14.39 7.65
CA CYS A 187 11.06 -14.21 6.20
C CYS A 187 11.76 -12.92 5.78
N GLU A 188 12.36 -12.25 6.75
CA GLU A 188 13.19 -11.07 6.45
C GLU A 188 14.44 -11.47 5.75
N PHE A 189 14.97 -10.55 4.96
CA PHE A 189 16.23 -10.77 4.34
C PHE A 189 17.32 -10.65 5.39
N ASN A 190 18.23 -11.60 5.36
CA ASN A 190 19.48 -11.52 6.12
C ASN A 190 20.59 -11.95 5.20
N SER A 191 21.60 -11.10 5.06
CA SER A 191 22.71 -11.36 4.16
C SER A 191 23.36 -12.74 4.37
N GLY A 192 23.58 -13.08 5.63
CA GLY A 192 24.20 -14.36 5.98
C GLY A 192 23.29 -15.55 5.79
N ASN A 193 21.98 -15.31 5.86
CA ASN A 193 20.99 -16.39 5.73
C ASN A 193 19.81 -15.98 4.85
N PRO A 194 20.07 -15.77 3.54
CA PRO A 194 19.06 -15.18 2.65
C PRO A 194 17.95 -16.13 2.24
N SER A 195 18.10 -17.42 2.55
CA SER A 195 17.15 -18.41 2.09
C SER A 195 15.74 -18.15 2.62
N ASN A 196 15.60 -17.68 3.86
CA ASN A 196 14.26 -17.44 4.41
C ASN A 196 13.52 -16.44 3.56
N PHE A 197 14.18 -15.33 3.27
CA PHE A 197 13.60 -14.32 2.39
C PHE A 197 13.36 -14.85 0.98
N ARG A 198 14.36 -15.52 0.43
CA ARG A 198 14.27 -16.00 -0.96
C ARG A 198 13.15 -17.01 -1.12
N ASN A 199 13.03 -17.91 -0.15
CA ASN A 199 11.92 -18.86 -0.13
C ASN A 199 10.59 -18.11 -0.03
N SER A 200 10.56 -17.08 0.81
CA SER A 200 9.31 -16.35 1.02
C SER A 200 8.89 -15.64 -0.26
N TRP A 201 9.82 -14.88 -0.83
CA TRP A 201 9.60 -14.24 -2.11
C TRP A 201 9.13 -15.23 -3.16
N ASN A 202 9.83 -16.36 -3.24
CA ASN A 202 9.44 -17.38 -4.21
C ASN A 202 8.01 -17.85 -3.99
N LYS A 203 7.67 -18.13 -2.74
CA LYS A 203 6.34 -18.61 -2.41
C LYS A 203 5.26 -17.61 -2.73
N TRP A 204 5.46 -16.36 -2.33
CA TRP A 204 4.50 -15.32 -2.64
C TRP A 204 4.29 -15.14 -4.11
N THR A 205 5.39 -14.97 -4.82
CA THR A 205 5.30 -14.69 -6.25
C THR A 205 4.65 -15.86 -6.99
N SER A 206 4.89 -17.07 -6.48
CA SER A 206 4.34 -18.29 -7.10
C SER A 206 2.86 -18.49 -6.80
N SER A 207 2.38 -17.79 -5.78
CA SER A 207 1.06 -18.03 -5.27
C SER A 207 0.00 -17.10 -5.78
N PHE A 208 0.41 -15.96 -6.34
CA PHE A 208 -0.57 -15.00 -6.87
C PHE A 208 -0.09 -14.42 -8.15
N ASN A 209 -1.05 -14.14 -9.03
CA ASN A 209 -0.77 -13.51 -10.30
C ASN A 209 -0.92 -12.00 -10.09
N ALA A 210 0.13 -11.40 -9.56
CA ALA A 210 0.16 -9.98 -9.33
C ALA A 210 1.57 -9.54 -9.62
N LYS A 211 1.74 -8.23 -9.69
CA LYS A 211 3.08 -7.68 -9.69
C LYS A 211 3.52 -7.56 -8.25
N PHE A 212 4.67 -8.15 -7.97
CA PHE A 212 5.17 -8.23 -6.61
C PHE A 212 6.27 -7.24 -6.33
N TYR A 213 6.15 -6.61 -5.16
CA TYR A 213 7.15 -5.67 -4.71
C TYR A 213 7.74 -6.11 -3.39
N VAL A 214 9.02 -5.83 -3.24
CA VAL A 214 9.68 -6.16 -2.01
C VAL A 214 9.38 -5.05 -1.05
N GLY A 215 8.56 -5.35 -0.04
CA GLY A 215 8.14 -4.38 0.95
C GLY A 215 9.16 -4.31 2.06
N LEU A 216 9.72 -3.11 2.26
CA LEU A 216 10.80 -2.96 3.21
C LEU A 216 10.64 -1.67 3.99
N PRO A 217 11.29 -1.62 5.17
CA PRO A 217 11.34 -0.37 5.94
C PRO A 217 12.39 0.53 5.31
N ALA A 218 12.08 1.81 5.20
CA ALA A 218 12.99 2.72 4.51
C ALA A 218 14.15 3.15 5.40
N SER A 219 14.04 2.82 6.68
CA SER A 219 15.09 3.13 7.63
C SER A 219 15.12 2.04 8.70
N PRO A 220 16.28 1.85 9.34
CA PRO A 220 16.24 0.92 10.49
C PRO A 220 15.30 1.40 11.58
N GLU A 221 14.98 2.69 11.59
CA GLU A 221 14.09 3.24 12.60
C GLU A 221 12.62 2.90 12.30
N ALA A 222 12.36 2.47 11.08
CA ALA A 222 10.98 2.23 10.63
C ALA A 222 10.52 0.78 10.87
N ALA A 223 11.40 -0.04 11.43
CA ALA A 223 11.06 -1.43 11.73
C ALA A 223 11.93 -2.00 12.83
N GLY A 224 11.35 -2.90 13.62
CA GLY A 224 12.10 -3.56 14.67
C GLY A 224 13.11 -4.55 14.11
N SER A 225 12.87 -5.00 12.87
CA SER A 225 13.73 -5.94 12.19
C SER A 225 13.38 -5.96 10.70
N GLY A 226 14.32 -6.44 9.88
CA GLY A 226 14.06 -6.63 8.46
C GLY A 226 14.61 -5.53 7.58
N TYR A 227 15.11 -4.46 8.20
CA TYR A 227 15.73 -3.41 7.41
C TYR A 227 16.89 -3.98 6.61
N VAL A 228 16.98 -3.58 5.35
CA VAL A 228 18.06 -4.04 4.50
C VAL A 228 18.82 -2.82 4.02
N PRO A 229 20.09 -2.71 4.39
CA PRO A 229 20.88 -1.59 3.91
C PRO A 229 20.81 -1.54 2.39
N PRO A 230 20.67 -0.34 1.81
CA PRO A 230 20.41 -0.22 0.39
C PRO A 230 21.44 -0.97 -0.45
N GLN A 231 22.71 -0.96 -0.04
CA GLN A 231 23.71 -1.68 -0.85
C GLN A 231 23.47 -3.17 -0.86
N GLN A 232 23.06 -3.71 0.28
CA GLN A 232 22.70 -5.11 0.35
C GLN A 232 21.48 -5.39 -0.49
N LEU A 233 20.48 -4.51 -0.40
CA LEU A 233 19.30 -4.63 -1.22
C LEU A 233 19.73 -4.71 -2.69
N ILE A 234 20.55 -3.74 -3.11
CA ILE A 234 20.95 -3.65 -4.50
C ILE A 234 21.73 -4.90 -4.90
N ASN A 235 22.71 -5.29 -4.07
CA ASN A 235 23.68 -6.28 -4.48
C ASN A 235 23.17 -7.69 -4.34
N GLN A 236 22.31 -7.89 -3.34
CA GLN A 236 21.96 -9.25 -2.92
C GLN A 236 20.51 -9.60 -3.16
N VAL A 237 19.62 -8.64 -2.94
CA VAL A 237 18.18 -8.92 -3.06
C VAL A 237 17.73 -8.73 -4.50
N LEU A 238 18.06 -7.58 -5.09
CA LEU A 238 17.52 -7.22 -6.40
C LEU A 238 17.89 -8.20 -7.53
N PRO A 239 19.16 -8.64 -7.59
CA PRO A 239 19.47 -9.61 -8.65
C PRO A 239 18.64 -10.88 -8.57
N PHE A 240 18.27 -11.26 -7.34
CA PHE A 240 17.42 -12.42 -7.14
C PHE A 240 15.95 -12.14 -7.49
N VAL A 241 15.39 -11.08 -6.89
CA VAL A 241 13.96 -10.84 -7.11
C VAL A 241 13.68 -10.46 -8.55
N LYS A 242 14.65 -9.86 -9.23
CA LYS A 242 14.46 -9.45 -10.61
C LYS A 242 14.29 -10.63 -11.55
N ARG A 243 14.71 -11.81 -11.10
CA ARG A 243 14.52 -13.04 -11.88
C ARG A 243 13.05 -13.41 -11.98
N SER A 244 12.22 -12.86 -11.09
CA SER A 244 10.79 -13.15 -11.16
C SER A 244 10.18 -12.27 -12.21
N PRO A 245 9.46 -12.88 -13.17
CA PRO A 245 8.72 -12.01 -14.08
C PRO A 245 7.69 -11.16 -13.37
N LYS A 246 7.25 -11.58 -12.18
CA LYS A 246 6.28 -10.77 -11.43
C LYS A 246 6.91 -9.64 -10.64
N TYR A 247 8.23 -9.55 -10.67
CA TYR A 247 8.89 -8.51 -9.92
C TYR A 247 8.49 -7.13 -10.44
N GLY A 248 8.01 -6.29 -9.52
CA GLY A 248 7.57 -4.95 -9.85
C GLY A 248 8.48 -3.87 -9.31
N GLY A 249 9.23 -4.21 -8.26
CA GLY A 249 10.05 -3.22 -7.59
C GLY A 249 10.08 -3.38 -6.09
N VAL A 250 10.20 -2.24 -5.42
CA VAL A 250 10.40 -2.21 -3.99
C VAL A 250 9.34 -1.27 -3.42
N MET A 251 8.76 -1.64 -2.28
CA MET A 251 7.82 -0.79 -1.61
C MET A 251 8.50 -0.38 -0.32
N LEU A 252 8.34 0.89 0.02
CA LEU A 252 9.00 1.37 1.20
C LEU A 252 7.99 1.89 2.21
N TRP A 253 8.14 1.45 3.45
CA TRP A 253 7.48 2.09 4.59
C TRP A 253 8.54 2.91 5.28
N ASP A 254 8.45 4.25 5.32
CA ASP A 254 7.40 5.09 4.75
C ASP A 254 8.03 6.37 4.21
N ARG A 255 7.22 7.31 3.76
CA ARG A 255 7.78 8.55 3.21
C ARG A 255 8.71 9.24 4.24
N PHE A 256 8.25 9.35 5.47
CA PHE A 256 9.05 9.99 6.51
C PHE A 256 10.45 9.39 6.61
N ASN A 257 10.50 8.07 6.75
CA ASN A 257 11.77 7.39 6.94
C ASN A 257 12.63 7.40 5.71
N ASP A 258 11.97 7.33 4.56
CA ASP A 258 12.67 7.39 3.28
C ASP A 258 13.32 8.75 3.14
N LEU A 259 12.57 9.81 3.47
CA LEU A 259 13.15 11.16 3.43
C LEU A 259 14.38 11.25 4.31
N LYS A 260 14.29 10.60 5.46
CA LYS A 260 15.38 10.59 6.43
C LYS A 260 16.62 9.93 5.86
N THR A 261 16.47 8.76 5.26
CA THR A 261 17.63 7.95 4.86
C THR A 261 18.03 8.06 3.40
N LYS A 262 17.13 8.60 2.59
CA LYS A 262 17.33 8.71 1.14
C LYS A 262 17.41 7.33 0.54
N TYR A 263 16.73 6.39 1.17
CA TYR A 263 16.81 4.99 0.77
C TYR A 263 16.39 4.85 -0.69
N SER A 264 15.23 5.38 -1.04
CA SER A 264 14.75 5.25 -2.40
C SER A 264 15.75 5.82 -3.40
N SER A 265 16.33 6.97 -3.09
CA SER A 265 17.27 7.62 -4.02
C SER A 265 18.45 6.71 -4.30
N LYS A 266 18.84 5.92 -3.30
CA LYS A 266 19.99 5.04 -3.40
C LYS A 266 19.69 3.80 -4.26
N ILE A 267 18.44 3.33 -4.23
CA ILE A 267 18.06 2.12 -4.92
C ILE A 267 17.33 2.36 -6.24
N LYS A 268 16.88 3.61 -6.45
CA LYS A 268 16.11 3.97 -7.61
C LYS A 268 16.76 3.48 -8.92
N PRO A 269 18.07 3.72 -9.09
CA PRO A 269 18.75 3.29 -10.32
C PRO A 269 18.79 1.77 -10.51
N SER A 270 18.58 1.03 -9.44
CA SER A 270 18.73 -0.42 -9.47
C SER A 270 17.43 -1.19 -9.46
N VAL A 271 16.37 -0.60 -8.94
CA VAL A 271 15.11 -1.30 -8.82
C VAL A 271 14.55 -1.64 -10.20
S SO4 B . 10.30 18.95 -11.91
O1 SO4 B . 11.62 19.31 -11.42
O2 SO4 B . 10.37 17.94 -12.96
O3 SO4 B . 9.66 20.16 -12.41
O4 SO4 B . 9.47 18.47 -10.80
S SO4 C . 18.43 10.50 -10.04
O1 SO4 C . 17.58 9.80 -11.02
O2 SO4 C . 19.10 9.54 -9.18
O3 SO4 C . 17.52 11.34 -9.26
O4 SO4 C . 19.46 11.29 -10.72
S SO4 D . -12.05 -12.88 10.46
O1 SO4 D . -12.43 -11.48 10.31
O2 SO4 D . -11.41 -13.36 9.24
O3 SO4 D . -13.23 -13.69 10.76
O4 SO4 D . -11.08 -13.02 11.57
S SO4 E . 2.40 13.71 13.53
O1 SO4 E . 3.17 14.87 13.04
O2 SO4 E . 1.31 14.21 14.36
O3 SO4 E . 3.24 12.84 14.36
O4 SO4 E . 1.91 12.94 12.41
#